data_4P9F
#
_entry.id   4P9F
#
_cell.length_a   107.581
_cell.length_b   107.581
_cell.length_c   72.715
_cell.angle_alpha   90.00
_cell.angle_beta   90.00
_cell.angle_gamma   120.00
#
_symmetry.space_group_name_H-M   'P 63'
#
loop_
_entity.id
_entity.type
_entity.pdbx_description
1 polymer 'HTH-type transcriptional regulator mcbR'
2 water water
#
_entity_poly.entity_id   1
_entity_poly.type   'polypeptide(L)'
_entity_poly.pdbx_seq_one_letter_code
;GH(MSE)VSLTLQVENDLKHQLSIGALKPGARLITKNLAEQLG(MSE)SITPVREALLRLVSVNALSVAPAQAFTVPEVG
KRQLDEINRIRYELEL(MSE)AVALAVENLTPQDLAELQELLEKLQQAQEKGD(MSE)EQIINVNRLFRLAIYHRSN
(MSE)PILCE(MSE)IEQLWVR(MSE)GPGLHYLYEAINPAELREHIENYHLLLAALKAKDKEGCRHCLAEI(MSE)QQN
IAILYQQYNR
;
_entity_poly.pdbx_strand_id   A,B
#
# COMPACT_ATOMS: atom_id res chain seq x y z
N VAL A 4 21.34 7.14 -8.97
CA VAL A 4 20.49 8.20 -9.54
C VAL A 4 19.99 7.86 -10.96
N SER A 5 18.68 7.78 -11.05
CA SER A 5 18.00 7.50 -12.29
C SER A 5 17.17 8.71 -12.66
N LEU A 6 17.16 9.08 -13.94
CA LEU A 6 16.35 10.21 -14.39
C LEU A 6 14.87 9.84 -14.21
N THR A 7 14.56 8.61 -14.53
CA THR A 7 13.18 8.16 -14.38
C THR A 7 12.70 8.23 -12.91
N LEU A 8 13.55 7.80 -11.99
CA LEU A 8 13.19 7.81 -10.56
C LEU A 8 13.03 9.26 -10.07
N GLN A 9 13.87 10.16 -10.60
CA GLN A 9 13.85 11.54 -10.16
C GLN A 9 12.55 12.21 -10.59
N VAL A 10 12.14 11.97 -11.82
CA VAL A 10 10.85 12.50 -12.27
C VAL A 10 9.70 11.87 -11.48
N GLU A 11 9.78 10.55 -11.25
CA GLU A 11 8.73 9.87 -10.53
C GLU A 11 8.54 10.40 -9.09
N ASN A 12 9.65 10.57 -8.37
CA ASN A 12 9.60 11.10 -7.02
C ASN A 12 9.10 12.53 -6.98
N ASP A 13 9.50 13.33 -7.97
CA ASP A 13 9.00 14.71 -8.02
C ASP A 13 7.49 14.76 -8.29
N LEU A 14 7.01 13.91 -9.20
CA LEU A 14 5.57 13.81 -9.43
C LEU A 14 4.83 13.28 -8.18
N LYS A 15 5.41 12.30 -7.50
CA LYS A 15 4.81 11.82 -6.24
C LYS A 15 4.69 12.96 -5.24
N HIS A 16 5.75 13.75 -5.15
CA HIS A 16 5.79 14.88 -4.24
C HIS A 16 4.72 15.92 -4.60
N GLN A 17 4.65 16.28 -5.88
CA GLN A 17 3.65 17.22 -6.38
C GLN A 17 2.23 16.74 -6.11
N LEU A 18 1.98 15.46 -6.37
CA LEU A 18 0.67 14.86 -6.11
C LEU A 18 0.35 14.93 -4.62
N SER A 19 1.32 14.50 -3.79
CA SER A 19 1.16 14.42 -2.34
C SER A 19 0.85 15.74 -1.64
N ILE A 20 1.43 16.84 -2.13
CA ILE A 20 1.22 18.14 -1.49
C ILE A 20 0.04 18.92 -2.08
N GLY A 21 -0.71 18.26 -2.95
CA GLY A 21 -1.89 18.86 -3.57
C GLY A 21 -1.62 19.89 -4.66
N ALA A 22 -0.43 19.84 -5.24
CA ALA A 22 -0.05 20.78 -6.29
C ALA A 22 -0.74 20.49 -7.63
N LEU A 23 -1.24 19.27 -7.79
CA LEU A 23 -1.91 18.92 -9.05
C LEU A 23 -3.40 18.80 -8.82
N LYS A 24 -4.17 19.46 -9.67
CA LYS A 24 -5.62 19.50 -9.52
C LYS A 24 -6.25 18.19 -9.99
N PRO A 25 -7.24 17.67 -9.24
CA PRO A 25 -7.99 16.49 -9.70
C PRO A 25 -8.49 16.69 -11.12
N GLY A 26 -8.34 15.68 -11.96
CA GLY A 26 -8.83 15.78 -13.33
C GLY A 26 -7.89 16.43 -14.34
N ALA A 27 -6.81 17.07 -13.87
CA ALA A 27 -5.91 17.76 -14.79
C ALA A 27 -5.28 16.83 -15.81
N ARG A 28 -5.13 17.35 -17.03
CA ARG A 28 -4.57 16.57 -18.12
C ARG A 28 -3.08 16.89 -18.17
N LEU A 29 -2.27 15.85 -17.99
CA LEU A 29 -0.82 15.98 -18.03
C LEU A 29 -0.28 15.50 -19.38
N ILE A 30 0.45 16.35 -20.07
CA ILE A 30 0.95 16.00 -21.40
C ILE A 30 2.45 15.65 -21.28
N THR A 31 2.78 14.39 -21.55
CA THR A 31 4.16 13.90 -21.44
C THR A 31 5.19 14.85 -22.08
N LYS A 32 4.92 15.25 -23.31
CA LYS A 32 5.78 16.15 -24.07
C LYS A 32 6.04 17.49 -23.34
N ASN A 33 4.98 18.10 -22.80
CA ASN A 33 5.12 19.34 -22.02
C ASN A 33 6.03 19.14 -20.84
N LEU A 34 5.86 18.03 -20.15
CA LEU A 34 6.66 17.78 -18.94
C LEU A 34 8.13 17.57 -19.34
N ALA A 35 8.37 16.81 -20.41
CA ALA A 35 9.74 16.59 -20.88
C ALA A 35 10.40 17.94 -21.26
N GLU A 36 9.65 18.79 -21.96
CA GLU A 36 10.17 20.12 -22.31
C GLU A 36 10.46 20.98 -21.08
N GLN A 37 9.56 20.94 -20.11
CA GLN A 37 9.77 21.69 -18.88
C GLN A 37 11.01 21.20 -18.11
N LEU A 38 11.29 19.90 -18.17
CA LEU A 38 12.40 19.31 -17.41
C LEU A 38 13.69 19.23 -18.20
N GLY A 39 13.63 19.65 -19.47
CA GLY A 39 14.80 19.60 -20.34
C GLY A 39 15.29 18.18 -20.56
N SER A 41 14.63 13.99 -22.32
CA SER A 41 14.01 13.10 -23.28
C SER A 41 12.64 12.65 -22.78
N ILE A 42 11.75 12.36 -23.73
CA ILE A 42 10.45 11.77 -23.44
C ILE A 42 10.52 10.49 -22.62
N THR A 43 11.54 9.69 -22.90
CA THR A 43 11.62 8.33 -22.34
C THR A 43 11.56 8.24 -20.80
N PRO A 44 12.43 8.97 -20.06
CA PRO A 44 12.27 8.80 -18.60
C PRO A 44 11.00 9.46 -18.05
N VAL A 45 10.51 10.49 -18.72
CA VAL A 45 9.29 11.18 -18.28
C VAL A 45 8.07 10.28 -18.48
N ARG A 46 7.95 9.69 -19.69
CA ARG A 46 6.86 8.74 -19.94
C ARG A 46 6.91 7.54 -18.98
N GLU A 47 8.11 7.01 -18.71
CA GLU A 47 8.20 5.86 -17.79
C GLU A 47 7.76 6.20 -16.37
N ALA A 48 8.13 7.39 -15.92
CA ALA A 48 7.77 7.83 -14.58
C ALA A 48 6.26 7.93 -14.45
N LEU A 49 5.63 8.52 -15.47
CA LEU A 49 4.18 8.64 -15.49
C LEU A 49 3.51 7.26 -15.50
N LEU A 50 4.04 6.32 -16.27
CA LEU A 50 3.50 4.97 -16.37
C LEU A 50 3.68 4.21 -15.07
N ARG A 51 4.77 4.49 -14.34
CA ARG A 51 4.97 3.91 -13.01
C ARG A 51 3.83 4.34 -12.08
N LEU A 52 3.40 5.60 -12.19
CA LEU A 52 2.32 6.10 -11.38
C LEU A 52 0.97 5.50 -11.81
N VAL A 53 0.79 5.32 -13.12
CA VAL A 53 -0.39 4.66 -13.63
C VAL A 53 -0.49 3.24 -13.05
N SER A 54 0.64 2.53 -12.98
CA SER A 54 0.64 1.14 -12.53
C SER A 54 0.19 0.99 -11.07
N VAL A 55 0.38 2.02 -10.25
CA VAL A 55 -0.14 1.96 -8.88
C VAL A 55 -1.42 2.80 -8.73
N ASN A 56 -2.01 3.18 -9.87
CA ASN A 56 -3.28 3.92 -9.89
C ASN A 56 -3.22 5.32 -9.28
N ALA A 57 -2.03 5.90 -9.27
CA ALA A 57 -1.81 7.27 -8.83
C ALA A 57 -2.11 8.27 -9.93
N LEU A 58 -2.09 7.78 -11.17
CA LEU A 58 -2.51 8.54 -12.32
C LEU A 58 -3.34 7.65 -13.22
N SER A 59 -4.06 8.26 -14.16
CA SER A 59 -4.83 7.53 -15.16
C SER A 59 -4.30 7.81 -16.57
N VAL A 60 -4.46 6.84 -17.47
CA VAL A 60 -4.15 7.01 -18.87
C VAL A 60 -5.18 7.94 -19.52
N ALA A 61 -4.71 8.85 -20.36
CA ALA A 61 -5.57 9.74 -21.16
C ALA A 61 -5.20 9.64 -22.65
N PRO A 62 -6.12 10.04 -23.56
CA PRO A 62 -5.87 10.00 -25.00
C PRO A 62 -4.60 10.77 -25.45
N ALA A 63 -3.92 10.24 -26.47
CA ALA A 63 -2.82 10.95 -27.13
C ALA A 63 -1.57 11.23 -26.29
N GLN A 64 -1.01 10.20 -25.66
CA GLN A 64 0.25 10.33 -24.89
C GLN A 64 0.14 11.33 -23.74
N ALA A 65 -0.87 11.11 -22.92
CA ALA A 65 -1.16 12.00 -21.81
C ALA A 65 -1.77 11.20 -20.67
N PHE A 66 -1.88 11.85 -19.52
CA PHE A 66 -2.36 11.25 -18.31
C PHE A 66 -3.30 12.19 -17.57
N THR A 67 -4.15 11.68 -16.69
CA THR A 67 -4.92 12.60 -15.88
C THR A 67 -4.73 12.29 -14.42
N VAL A 68 -4.71 13.36 -13.63
CA VAL A 68 -4.71 13.29 -12.17
C VAL A 68 -6.08 12.76 -11.74
N PRO A 69 -6.10 11.73 -10.89
CA PRO A 69 -7.38 11.14 -10.50
C PRO A 69 -8.30 12.11 -9.77
N GLU A 70 -9.60 11.85 -9.86
CA GLU A 70 -10.61 12.56 -9.08
C GLU A 70 -10.69 11.90 -7.73
N VAL A 71 -10.61 12.67 -6.66
CA VAL A 71 -10.75 12.08 -5.32
C VAL A 71 -12.02 12.59 -4.63
N GLY A 72 -13.09 11.82 -4.75
CA GLY A 72 -14.35 12.14 -4.11
C GLY A 72 -14.28 11.83 -2.62
N LYS A 73 -15.31 12.22 -1.88
CA LYS A 73 -15.37 11.99 -0.43
C LYS A 73 -15.27 10.50 -0.11
N ARG A 74 -15.95 9.69 -0.92
CA ARG A 74 -15.94 8.25 -0.76
C ARG A 74 -14.52 7.69 -0.85
N GLN A 75 -13.75 8.16 -1.83
CA GLN A 75 -12.37 7.69 -1.99
C GLN A 75 -11.47 8.23 -0.88
N LEU A 76 -11.65 9.50 -0.55
CA LEU A 76 -10.89 10.10 0.55
C LEU A 76 -11.19 9.39 1.85
N ASP A 77 -12.45 9.02 2.05
CA ASP A 77 -12.86 8.22 3.22
C ASP A 77 -12.08 6.93 3.33
N GLU A 78 -12.07 6.17 2.24
CA GLU A 78 -11.38 4.87 2.23
C GLU A 78 -9.87 5.00 2.48
N ILE A 79 -9.24 5.94 1.79
CA ILE A 79 -7.81 6.20 1.97
C ILE A 79 -7.50 6.58 3.42
N ASN A 80 -8.35 7.43 4.00
CA ASN A 80 -8.17 7.83 5.40
C ASN A 80 -8.31 6.67 6.38
N ARG A 81 -9.28 5.81 6.14
CA ARG A 81 -9.50 4.65 6.99
C ARG A 81 -8.30 3.71 6.94
N ILE A 82 -7.76 3.50 5.74
CA ILE A 82 -6.59 2.65 5.59
C ILE A 82 -5.37 3.27 6.27
N ARG A 83 -5.09 4.53 5.98
CA ARG A 83 -3.88 5.13 6.50
C ARG A 83 -3.97 5.38 8.00
N TYR A 84 -5.18 5.51 8.51
CA TYR A 84 -5.38 5.64 9.93
C TYR A 84 -4.67 4.49 10.65
N GLU A 85 -5.00 3.25 10.29
CA GLU A 85 -4.36 2.09 10.91
C GLU A 85 -2.86 2.04 10.69
N LEU A 86 -2.43 2.35 9.46
CA LEU A 86 -1.01 2.21 9.14
C LEU A 86 -0.15 3.25 9.84
N GLU A 87 -0.63 4.50 9.90
CA GLU A 87 0.15 5.57 10.50
C GLU A 87 0.21 5.43 12.03
N LEU A 88 -0.87 4.97 12.65
CA LEU A 88 -0.88 4.72 14.08
C LEU A 88 0.06 3.55 14.40
N ALA A 90 2.71 2.73 12.54
CA ALA A 90 4.03 3.30 12.34
C ALA A 90 4.48 4.11 13.55
N VAL A 91 3.61 4.98 14.05
CA VAL A 91 4.03 5.86 15.15
C VAL A 91 4.32 5.07 16.44
N ALA A 92 3.56 3.99 16.69
CA ALA A 92 3.76 3.19 17.90
C ALA A 92 5.08 2.43 17.84
N LEU A 93 5.44 1.94 16.66
CA LEU A 93 6.69 1.21 16.50
C LEU A 93 7.90 2.14 16.54
N ALA A 94 7.70 3.40 16.16
CA ALA A 94 8.80 4.34 16.09
C ALA A 94 9.24 4.78 17.50
N VAL A 95 8.32 4.75 18.45
CA VAL A 95 8.61 5.24 19.80
C VAL A 95 9.84 4.59 20.45
N GLU A 96 9.95 3.27 20.37
CA GLU A 96 11.04 2.57 21.04
C GLU A 96 12.38 2.73 20.31
N ASN A 97 12.39 3.43 19.17
CA ASN A 97 13.62 3.57 18.38
C ASN A 97 14.10 5.00 18.22
N LEU A 98 13.30 5.96 18.69
CA LEU A 98 13.65 7.36 18.56
C LEU A 98 14.84 7.72 19.46
N THR A 99 15.86 8.33 18.88
CA THR A 99 17.06 8.76 19.62
C THR A 99 16.93 10.22 20.04
N PRO A 100 17.80 10.70 20.96
CA PRO A 100 17.81 12.15 21.23
C PRO A 100 18.05 12.94 19.95
N GLN A 101 18.88 12.41 19.05
CA GLN A 101 19.15 13.04 17.78
C GLN A 101 17.90 13.09 16.90
N ASP A 102 17.15 12.00 16.87
CA ASP A 102 15.89 11.96 16.13
C ASP A 102 14.95 13.05 16.63
N LEU A 103 14.80 13.11 17.95
CA LEU A 103 13.90 14.06 18.60
C LEU A 103 14.34 15.50 18.35
N ALA A 104 15.65 15.72 18.31
CA ALA A 104 16.20 17.05 18.03
C ALA A 104 15.79 17.51 16.63
N GLU A 105 15.92 16.63 15.64
CA GLU A 105 15.50 16.92 14.26
C GLU A 105 13.98 17.08 14.10
N LEU A 106 13.20 16.34 14.90
CA LEU A 106 11.74 16.50 14.87
C LEU A 106 11.37 17.88 15.40
N GLN A 107 12.07 18.30 16.46
CA GLN A 107 11.85 19.63 17.01
C GLN A 107 12.16 20.73 15.98
N GLU A 108 13.24 20.55 15.20
CA GLU A 108 13.59 21.51 14.15
C GLU A 108 12.50 21.58 13.07
N LEU A 109 12.00 20.42 12.64
CA LEU A 109 10.93 20.41 11.65
C LEU A 109 9.68 21.13 12.16
N LEU A 110 9.39 20.98 13.45
CA LEU A 110 8.24 21.64 14.05
C LEU A 110 8.35 23.16 14.02
N GLU A 111 9.58 23.65 14.22
CA GLU A 111 9.85 25.08 14.12
C GLU A 111 9.64 25.56 12.68
N LYS A 112 10.09 24.77 11.71
CA LYS A 112 9.87 25.07 10.30
C LYS A 112 8.38 25.17 10.02
N LEU A 113 7.61 24.25 10.61
CA LEU A 113 6.16 24.23 10.40
C LEU A 113 5.51 25.52 10.91
N GLN A 114 5.89 25.93 12.13
CA GLN A 114 5.34 27.16 12.69
C GLN A 114 5.69 28.37 11.82
N GLN A 115 6.93 28.41 11.34
CA GLN A 115 7.39 29.50 10.49
C GLN A 115 6.56 29.51 9.23
N ALA A 116 6.29 28.32 8.69
CA ALA A 116 5.49 28.20 7.48
C ALA A 116 4.09 28.76 7.68
N GLN A 117 3.47 28.47 8.82
CA GLN A 117 2.13 28.99 9.11
C GLN A 117 2.13 30.51 9.35
N GLU A 118 3.19 31.01 9.97
CA GLU A 118 3.31 32.45 10.25
C GLU A 118 3.54 33.23 8.96
N LYS A 119 4.34 32.64 8.07
CA LYS A 119 4.63 33.23 6.78
C LYS A 119 3.44 33.10 5.84
N GLY A 120 2.51 32.21 6.17
CA GLY A 120 1.35 31.97 5.32
C GLY A 120 1.67 31.14 4.09
N ASP A 121 2.73 30.33 4.18
CA ASP A 121 3.18 29.49 3.07
C ASP A 121 2.49 28.13 3.09
N GLU A 123 2.11 25.70 0.92
CA GLU A 123 2.84 24.54 0.41
C GLU A 123 3.85 24.00 1.42
N GLN A 124 4.56 24.91 2.07
CA GLN A 124 5.53 24.56 3.09
C GLN A 124 4.88 23.96 4.33
N ILE A 125 3.71 24.46 4.70
CA ILE A 125 2.92 23.86 5.77
C ILE A 125 2.61 22.40 5.46
N ILE A 126 2.12 22.17 4.25
CA ILE A 126 1.77 20.83 3.83
C ILE A 126 3.04 19.96 3.78
N ASN A 127 4.10 20.48 3.18
CA ASN A 127 5.31 19.72 3.00
C ASN A 127 6.02 19.38 4.32
N VAL A 128 6.13 20.37 5.20
CA VAL A 128 6.78 20.13 6.48
C VAL A 128 5.96 19.13 7.34
N ASN A 129 4.62 19.21 7.29
CA ASN A 129 3.80 18.21 8.00
C ASN A 129 4.13 16.79 7.54
N ARG A 130 4.25 16.63 6.23
CA ARG A 130 4.67 15.39 5.58
C ARG A 130 6.05 14.92 6.06
N LEU A 131 7.02 15.84 6.00
CA LEU A 131 8.39 15.52 6.37
C LEU A 131 8.49 15.15 7.86
N PHE A 132 7.73 15.85 8.67
CA PHE A 132 7.69 15.61 10.10
C PHE A 132 7.17 14.19 10.39
N ARG A 133 6.01 13.85 9.84
CA ARG A 133 5.44 12.55 10.14
C ARG A 133 6.29 11.42 9.54
N LEU A 134 6.83 11.64 8.35
CA LEU A 134 7.63 10.61 7.70
C LEU A 134 8.94 10.36 8.47
N ALA A 135 9.53 11.43 9.01
CA ALA A 135 10.72 11.29 9.84
C ALA A 135 10.42 10.40 11.04
N ILE A 136 9.23 10.56 11.61
CA ILE A 136 8.81 9.70 12.70
C ILE A 136 8.68 8.27 12.21
N TYR A 137 7.90 8.09 11.14
CA TYR A 137 7.53 6.75 10.68
C TYR A 137 8.74 5.93 10.28
N HIS A 138 9.76 6.59 9.72
CA HIS A 138 10.96 5.90 9.28
C HIS A 138 11.66 5.17 10.42
N ARG A 139 11.52 5.68 11.65
CA ARG A 139 12.18 5.07 12.83
C ARG A 139 11.45 3.82 13.30
N SER A 140 10.33 3.48 12.66
CA SER A 140 9.65 2.21 12.93
C SER A 140 10.46 1.04 12.38
N ASN A 141 11.45 1.36 11.54
CA ASN A 141 12.25 0.35 10.83
C ASN A 141 11.37 -0.62 10.03
N PRO A 143 10.27 -0.26 6.36
CA PRO A 143 10.32 0.47 5.08
C PRO A 143 9.11 0.24 4.19
N ILE A 144 8.57 -0.97 4.19
CA ILE A 144 7.39 -1.28 3.39
C ILE A 144 6.15 -0.59 3.96
N LEU A 145 6.05 -0.54 5.28
CA LEU A 145 4.95 0.18 5.93
C LEU A 145 5.04 1.65 5.57
N CYS A 146 6.23 2.24 5.71
CA CYS A 146 6.40 3.65 5.35
C CYS A 146 6.12 3.97 3.88
N GLU A 147 6.61 3.13 2.97
CA GLU A 147 6.33 3.31 1.54
C GLU A 147 4.84 3.25 1.26
N ILE A 149 2.45 4.02 3.33
CA ILE A 149 1.89 5.27 3.84
C ILE A 149 2.12 6.39 2.81
N GLU A 150 3.33 6.48 2.26
CA GLU A 150 3.61 7.48 1.22
C GLU A 150 2.72 7.28 0.00
N GLN A 151 2.49 6.02 -0.35
CA GLN A 151 1.64 5.69 -1.49
C GLN A 151 0.22 6.23 -1.28
N LEU A 152 -0.30 6.06 -0.07
CA LEU A 152 -1.66 6.53 0.24
C LEU A 152 -1.74 8.07 0.25
N TRP A 153 -0.66 8.72 0.67
CA TRP A 153 -0.60 10.18 0.60
C TRP A 153 -0.65 10.68 -0.84
N VAL A 154 0.00 9.94 -1.72
CA VAL A 154 -0.03 10.24 -3.16
C VAL A 154 -1.47 10.11 -3.68
N ARG A 155 -2.17 9.06 -3.27
CA ARG A 155 -3.54 8.80 -3.71
C ARG A 155 -4.51 9.90 -3.20
N GLY A 157 -3.57 12.86 -2.31
CA GLY A 157 -2.97 14.12 -2.70
C GLY A 157 -3.80 15.14 -3.45
N PRO A 158 -4.47 14.74 -4.56
CA PRO A 158 -5.28 15.72 -5.31
C PRO A 158 -6.40 16.34 -4.45
N GLY A 159 -6.81 15.61 -3.42
CA GLY A 159 -7.82 16.13 -2.52
C GLY A 159 -7.31 17.33 -1.72
N LEU A 160 -5.99 17.56 -1.74
CA LEU A 160 -5.36 18.66 -0.99
C LEU A 160 -5.29 19.95 -1.80
N HIS A 161 -5.59 19.85 -3.09
CA HIS A 161 -5.51 21.00 -3.97
C HIS A 161 -6.44 22.11 -3.50
N TYR A 162 -7.53 21.71 -2.87
CA TYR A 162 -8.52 22.62 -2.30
C TYR A 162 -7.92 23.60 -1.28
N LEU A 163 -6.90 23.15 -0.55
CA LEU A 163 -6.26 23.96 0.49
C LEU A 163 -5.66 25.27 -0.02
N TYR A 164 -5.08 25.23 -1.22
CA TYR A 164 -4.40 26.40 -1.74
C TYR A 164 -5.39 27.50 -2.08
N GLU A 165 -6.56 27.11 -2.54
CA GLU A 165 -7.53 28.07 -3.05
C GLU A 165 -8.42 28.61 -1.94
N ALA A 166 -8.76 27.78 -0.98
CA ALA A 166 -9.84 28.13 -0.07
C ALA A 166 -9.44 28.34 1.38
N ILE A 167 -8.32 27.79 1.80
CA ILE A 167 -7.97 27.82 3.22
C ILE A 167 -6.98 28.92 3.56
N ASN A 168 -7.36 29.78 4.49
CA ASN A 168 -6.44 30.80 5.00
C ASN A 168 -5.53 30.20 6.06
N PRO A 169 -4.20 30.18 5.78
CA PRO A 169 -3.21 29.59 6.68
C PRO A 169 -3.22 30.20 8.08
N ALA A 170 -3.78 31.39 8.22
CA ALA A 170 -3.89 32.06 9.51
C ALA A 170 -4.88 31.32 10.42
N GLU A 171 -5.84 30.63 9.81
CA GLU A 171 -6.84 29.88 10.56
C GLU A 171 -6.33 28.50 10.98
N LEU A 172 -5.05 28.24 10.73
CA LEU A 172 -4.46 26.96 11.09
C LEU A 172 -3.52 27.07 12.29
N ARG A 173 -3.52 28.25 12.92
CA ARG A 173 -2.56 28.56 13.99
C ARG A 173 -2.62 27.55 15.12
N GLU A 174 -3.84 27.27 15.59
CA GLU A 174 -4.03 26.41 16.75
C GLU A 174 -3.76 24.93 16.45
N HIS A 175 -3.70 24.61 15.17
CA HIS A 175 -3.50 23.23 14.70
C HIS A 175 -2.08 22.71 14.99
N ILE A 176 -1.15 23.62 15.29
CA ILE A 176 0.23 23.21 15.54
C ILE A 176 0.41 22.68 16.98
N GLU A 177 -0.55 22.94 17.85
CA GLU A 177 -0.43 22.51 19.23
C GLU A 177 -0.45 20.97 19.32
N ASN A 178 -1.28 20.33 18.51
CA ASN A 178 -1.29 18.87 18.48
C ASN A 178 0.06 18.28 18.08
N TYR A 179 0.82 19.00 17.27
CA TYR A 179 2.15 18.54 16.84
C TYR A 179 3.13 18.64 18.01
N HIS A 180 3.06 19.72 18.77
CA HIS A 180 3.84 19.87 20.00
C HIS A 180 3.53 18.73 20.97
N LEU A 181 2.25 18.43 21.12
CA LEU A 181 1.81 17.38 22.04
C LEU A 181 2.30 16.01 21.56
N LEU A 182 2.28 15.77 20.26
CA LEU A 182 2.79 14.52 19.72
C LEU A 182 4.29 14.37 19.99
N LEU A 183 5.04 15.44 19.78
CA LEU A 183 6.48 15.38 20.02
C LEU A 183 6.78 15.14 21.51
N ALA A 184 6.01 15.77 22.40
CA ALA A 184 6.13 15.53 23.84
C ALA A 184 5.83 14.05 24.19
N ALA A 185 4.80 13.49 23.57
CA ALA A 185 4.44 12.10 23.79
C ALA A 185 5.54 11.15 23.29
N LEU A 186 6.16 11.51 22.17
CA LEU A 186 7.28 10.73 21.63
C LEU A 186 8.46 10.80 22.59
N LYS A 187 8.75 11.99 23.10
CA LYS A 187 9.84 12.17 24.08
C LYS A 187 9.58 11.41 25.37
N ALA A 188 8.32 11.38 25.82
CA ALA A 188 7.97 10.67 27.05
C ALA A 188 7.78 9.16 26.82
N LYS A 189 8.01 8.72 25.59
CA LYS A 189 7.86 7.30 25.18
C LYS A 189 6.47 6.74 25.49
N ASP A 190 5.47 7.60 25.41
CA ASP A 190 4.09 7.25 25.69
C ASP A 190 3.37 6.77 24.42
N LYS A 191 3.31 5.45 24.25
CA LYS A 191 2.77 4.83 23.03
C LYS A 191 1.34 5.25 22.73
N GLU A 192 0.48 5.16 23.72
CA GLU A 192 -0.93 5.48 23.55
C GLU A 192 -1.15 6.99 23.39
N GLY A 193 -0.34 7.79 24.09
CA GLY A 193 -0.37 9.23 23.92
C GLY A 193 0.01 9.62 22.50
N CYS A 194 0.99 8.91 21.93
CA CYS A 194 1.40 9.17 20.55
C CYS A 194 0.28 8.86 19.58
N ARG A 195 -0.38 7.74 19.80
CA ARG A 195 -1.50 7.35 18.94
C ARG A 195 -2.64 8.34 19.04
N HIS A 196 -2.94 8.77 20.26
CA HIS A 196 -3.99 9.73 20.49
C HIS A 196 -3.70 11.09 19.81
N CYS A 197 -2.49 11.62 19.98
CA CYS A 197 -2.13 12.91 19.37
C CYS A 197 -2.15 12.82 17.84
N LEU A 198 -1.61 11.73 17.30
CA LEU A 198 -1.59 11.57 15.87
C LEU A 198 -3.01 11.40 15.32
N ALA A 199 -3.85 10.67 16.03
CA ALA A 199 -5.26 10.55 15.63
C ALA A 199 -5.94 11.93 15.61
N GLU A 200 -5.67 12.74 16.63
CA GLU A 200 -6.23 14.08 16.72
C GLU A 200 -5.75 14.95 15.54
N ILE A 201 -4.47 14.83 15.20
CA ILE A 201 -3.89 15.56 14.07
C ILE A 201 -4.63 15.21 12.79
N GLN A 203 -7.62 13.77 12.46
CA GLN A 203 -9.03 14.18 12.53
C GLN A 203 -9.22 15.65 12.16
N GLN A 204 -8.40 16.51 12.74
CA GLN A 204 -8.54 17.95 12.48
C GLN A 204 -8.15 18.31 11.03
N ASN A 205 -7.15 17.61 10.47
CA ASN A 205 -6.70 17.93 9.10
C ASN A 205 -7.72 17.44 8.06
N ILE A 206 -8.27 16.26 8.30
CA ILE A 206 -9.31 15.69 7.45
C ILE A 206 -10.57 16.55 7.45
N ALA A 207 -10.93 17.08 8.62
CA ALA A 207 -12.11 17.93 8.75
C ALA A 207 -12.01 19.13 7.81
N ILE A 208 -10.81 19.66 7.67
CA ILE A 208 -10.56 20.75 6.74
C ILE A 208 -10.76 20.30 5.29
N LEU A 209 -10.26 19.11 4.96
CA LEU A 209 -10.37 18.63 3.59
C LEU A 209 -11.82 18.41 3.17
N TYR A 210 -12.67 17.99 4.10
CA TYR A 210 -14.05 17.65 3.75
C TYR A 210 -14.86 18.87 3.39
N GLN A 211 -14.37 20.06 3.73
CA GLN A 211 -15.12 21.28 3.41
C GLN A 211 -15.28 21.44 1.89
N GLN A 212 -14.45 20.74 1.10
CA GLN A 212 -14.47 20.96 -0.35
C GLN A 212 -15.65 20.28 -1.03
N TYR A 213 -16.33 19.36 -0.33
CA TYR A 213 -17.43 18.61 -0.91
C TYR A 213 -18.80 19.23 -0.60
N ASN A 214 -18.81 20.31 0.19
CA ASN A 214 -20.04 21.04 0.51
C ASN A 214 -20.70 21.62 -0.72
N VAL B 4 1.38 0.76 -25.48
CA VAL B 4 -0.05 1.01 -25.40
C VAL B 4 -0.52 0.58 -24.00
N SER B 5 -1.43 -0.40 -23.94
CA SER B 5 -1.89 -0.93 -22.66
C SER B 5 -1.49 -2.40 -22.52
N LEU B 6 -0.67 -2.87 -23.45
CA LEU B 6 -0.12 -4.22 -23.40
C LEU B 6 0.88 -4.37 -22.24
N THR B 7 1.76 -3.39 -22.10
CA THR B 7 2.80 -3.40 -21.08
C THR B 7 2.18 -3.48 -19.67
N LEU B 8 1.06 -2.79 -19.47
CA LEU B 8 0.36 -2.85 -18.18
C LEU B 8 -0.18 -4.26 -17.94
N GLN B 9 -0.65 -4.91 -19.00
CA GLN B 9 -1.18 -6.26 -18.87
C GLN B 9 -0.07 -7.28 -18.57
N VAL B 10 1.09 -7.12 -19.21
CA VAL B 10 2.25 -7.96 -18.94
C VAL B 10 2.66 -7.86 -17.45
N GLU B 11 2.61 -6.64 -16.93
CA GLU B 11 2.94 -6.38 -15.54
C GLU B 11 1.94 -7.14 -14.63
N ASN B 12 0.66 -7.10 -14.98
CA ASN B 12 -0.37 -7.78 -14.18
C ASN B 12 -0.16 -9.29 -14.16
N ASP B 13 0.22 -9.83 -15.32
CA ASP B 13 0.51 -11.25 -15.43
C ASP B 13 1.71 -11.69 -14.58
N LEU B 14 2.77 -10.87 -14.57
CA LEU B 14 3.94 -11.15 -13.73
C LEU B 14 3.66 -11.02 -12.23
N LYS B 15 2.89 -9.99 -11.85
CA LYS B 15 2.47 -9.82 -10.46
C LYS B 15 1.73 -11.06 -9.99
N HIS B 16 0.89 -11.61 -10.86
CA HIS B 16 0.12 -12.81 -10.56
C HIS B 16 1.03 -14.03 -10.34
N GLN B 17 1.97 -14.24 -11.26
CA GLN B 17 2.93 -15.33 -11.13
C GLN B 17 3.76 -15.20 -9.85
N LEU B 18 4.17 -13.98 -9.55
CA LEU B 18 4.89 -13.71 -8.31
C LEU B 18 4.02 -14.07 -7.10
N SER B 19 2.75 -13.65 -7.11
CA SER B 19 1.85 -13.83 -5.98
C SER B 19 1.55 -15.28 -5.63
N ILE B 20 1.50 -16.16 -6.63
CA ILE B 20 1.18 -17.55 -6.38
C ILE B 20 2.44 -18.40 -6.14
N GLY B 21 3.59 -17.74 -6.05
CA GLY B 21 4.84 -18.41 -5.75
C GLY B 21 5.37 -19.23 -6.92
N ALA B 22 4.94 -18.88 -8.12
CA ALA B 22 5.35 -19.62 -9.31
C ALA B 22 6.82 -19.35 -9.65
N LEU B 23 7.37 -18.25 -9.14
CA LEU B 23 8.75 -17.88 -9.41
C LEU B 23 9.67 -18.06 -8.21
N LYS B 24 10.81 -18.71 -8.42
CA LYS B 24 11.76 -18.99 -7.35
C LYS B 24 12.58 -17.75 -7.01
N PRO B 25 12.77 -17.48 -5.71
CA PRO B 25 13.63 -16.37 -5.27
C PRO B 25 15.03 -16.43 -5.88
N GLY B 26 15.54 -15.31 -6.38
CA GLY B 26 16.88 -15.25 -6.94
C GLY B 26 16.94 -15.67 -8.40
N ALA B 27 15.88 -16.31 -8.89
CA ALA B 27 15.84 -16.76 -10.28
C ALA B 27 15.93 -15.61 -11.27
N ARG B 28 16.54 -15.88 -12.42
CA ARG B 28 16.76 -14.87 -13.44
C ARG B 28 15.62 -14.91 -14.46
N LEU B 29 14.98 -13.77 -14.70
CA LEU B 29 13.93 -13.71 -15.71
C LEU B 29 14.54 -13.29 -17.05
N ILE B 30 14.22 -14.05 -18.10
CA ILE B 30 14.70 -13.74 -19.44
C ILE B 30 13.59 -13.03 -20.21
N THR B 31 13.83 -11.75 -20.47
CA THR B 31 12.88 -10.87 -21.14
C THR B 31 12.25 -11.47 -22.41
N SER B 41 5.72 -8.01 -28.24
CA SER B 41 7.07 -7.50 -28.41
C SER B 41 7.87 -7.51 -27.09
N ILE B 42 9.17 -7.72 -27.22
CA ILE B 42 10.08 -7.65 -26.08
C ILE B 42 10.08 -6.28 -25.38
N THR B 43 9.96 -5.20 -26.15
CA THR B 43 10.02 -3.83 -25.61
C THR B 43 9.00 -3.54 -24.48
N PRO B 44 7.70 -3.81 -24.69
CA PRO B 44 6.80 -3.52 -23.57
C PRO B 44 7.01 -4.49 -22.40
N VAL B 45 7.55 -5.67 -22.69
CA VAL B 45 7.87 -6.62 -21.63
C VAL B 45 8.97 -6.08 -20.74
N ARG B 46 10.06 -5.64 -21.35
CA ARG B 46 11.17 -5.04 -20.60
C ARG B 46 10.69 -3.83 -19.78
N GLU B 47 9.78 -3.04 -20.36
CA GLU B 47 9.24 -1.88 -19.68
C GLU B 47 8.46 -2.28 -18.41
N ALA B 48 7.72 -3.37 -18.51
CA ALA B 48 6.94 -3.88 -17.38
C ALA B 48 7.87 -4.37 -16.27
N LEU B 49 8.93 -5.07 -16.66
CA LEU B 49 9.90 -5.59 -15.69
C LEU B 49 10.60 -4.45 -14.92
N LEU B 50 10.97 -3.38 -15.62
CA LEU B 50 11.60 -2.22 -14.98
C LEU B 50 10.62 -1.50 -14.06
N ARG B 51 9.34 -1.45 -14.45
CA ARG B 51 8.35 -0.86 -13.54
C ARG B 51 8.19 -1.72 -12.29
N LEU B 52 8.25 -3.04 -12.44
CA LEU B 52 8.15 -3.92 -11.29
C LEU B 52 9.36 -3.78 -10.39
N VAL B 53 10.53 -3.55 -10.99
CA VAL B 53 11.70 -3.28 -10.18
C VAL B 53 11.46 -2.02 -9.33
N SER B 54 10.88 -0.98 -9.93
CA SER B 54 10.70 0.28 -9.20
C SER B 54 9.77 0.17 -7.98
N VAL B 55 8.86 -0.81 -7.99
CA VAL B 55 8.01 -1.04 -6.80
C VAL B 55 8.52 -2.22 -5.96
N ASN B 56 9.73 -2.67 -6.27
CA ASN B 56 10.40 -3.75 -5.56
C ASN B 56 9.66 -5.08 -5.64
N ALA B 57 8.85 -5.25 -6.67
CA ALA B 57 8.22 -6.55 -6.92
C ALA B 57 9.25 -7.44 -7.61
N LEU B 58 10.23 -6.80 -8.25
CA LEU B 58 11.36 -7.52 -8.82
C LEU B 58 12.66 -6.81 -8.43
N SER B 59 13.76 -7.51 -8.61
CA SER B 59 15.08 -6.97 -8.32
C SER B 59 15.96 -6.89 -9.56
N VAL B 60 16.91 -5.98 -9.52
CA VAL B 60 17.94 -5.97 -10.55
C VAL B 60 19.23 -5.44 -9.93
N ALA B 61 20.37 -6.03 -10.31
CA ALA B 61 21.64 -5.46 -9.90
C ALA B 61 22.06 -4.54 -11.05
N PRO B 62 22.86 -3.49 -10.76
CA PRO B 62 23.13 -2.53 -11.83
C PRO B 62 23.70 -3.16 -13.09
N ALA B 63 23.14 -2.73 -14.24
CA ALA B 63 23.56 -3.13 -15.58
C ALA B 63 23.45 -4.64 -15.85
N GLN B 64 22.62 -5.31 -15.07
CA GLN B 64 22.50 -6.77 -15.16
C GLN B 64 21.05 -7.19 -15.32
N ALA B 65 20.76 -8.49 -15.21
CA ALA B 65 19.42 -9.00 -15.52
C ALA B 65 18.42 -8.90 -14.38
N PHE B 66 17.13 -9.02 -14.72
CA PHE B 66 16.10 -8.94 -13.70
C PHE B 66 16.11 -10.25 -12.93
N THR B 67 15.85 -10.18 -11.62
CA THR B 67 15.74 -11.38 -10.81
C THR B 67 14.52 -11.29 -9.90
N VAL B 68 13.99 -12.46 -9.56
CA VAL B 68 12.97 -12.58 -8.53
C VAL B 68 13.57 -12.22 -7.17
N PRO B 69 12.92 -11.33 -6.40
CA PRO B 69 13.50 -10.90 -5.12
C PRO B 69 13.67 -12.04 -4.12
N GLU B 70 14.67 -11.90 -3.26
CA GLU B 70 14.81 -12.80 -2.11
C GLU B 70 14.12 -12.17 -0.90
N VAL B 71 13.24 -12.93 -0.27
CA VAL B 71 12.49 -12.43 0.88
C VAL B 71 12.97 -13.11 2.17
N GLY B 72 13.78 -12.40 2.94
CA GLY B 72 14.29 -12.91 4.20
C GLY B 72 13.23 -12.92 5.30
N LYS B 73 13.55 -13.50 6.44
CA LYS B 73 12.60 -13.63 7.54
C LYS B 73 12.09 -12.28 8.04
N ARG B 74 13.00 -11.33 8.23
CA ARG B 74 12.63 -10.00 8.72
C ARG B 74 11.61 -9.34 7.81
N GLN B 75 11.85 -9.44 6.51
CA GLN B 75 10.97 -8.83 5.53
C GLN B 75 9.61 -9.53 5.46
N LEU B 76 9.60 -10.85 5.51
CA LEU B 76 8.36 -11.60 5.55
C LEU B 76 7.57 -11.27 6.83
N ASP B 77 8.27 -11.12 7.95
CA ASP B 77 7.66 -10.70 9.21
C ASP B 77 6.97 -9.35 9.03
N GLU B 78 7.70 -8.37 8.48
CA GLU B 78 7.14 -7.04 8.27
C GLU B 78 5.88 -7.11 7.38
N ILE B 79 5.97 -7.83 6.27
CA ILE B 79 4.84 -7.98 5.35
C ILE B 79 3.61 -8.61 6.01
N ASN B 80 3.83 -9.66 6.81
CA ASN B 80 2.76 -10.32 7.53
C ASN B 80 2.13 -9.43 8.57
N ARG B 81 2.94 -8.64 9.26
CA ARG B 81 2.43 -7.71 10.26
C ARG B 81 1.50 -6.66 9.63
N ILE B 82 1.89 -6.13 8.48
CA ILE B 82 1.05 -5.15 7.80
C ILE B 82 -0.23 -5.79 7.27
N ARG B 83 -0.12 -6.91 6.58
CA ARG B 83 -1.30 -7.47 5.94
C ARG B 83 -2.26 -8.05 6.95
N TYR B 84 -1.74 -8.42 8.12
CA TYR B 84 -2.56 -8.86 9.22
C TYR B 84 -3.64 -7.82 9.50
N GLU B 85 -3.22 -6.58 9.66
CA GLU B 85 -4.13 -5.45 9.91
C GLU B 85 -5.09 -5.22 8.74
N LEU B 86 -4.55 -5.24 7.53
CA LEU B 86 -5.34 -4.92 6.34
C LEU B 86 -6.33 -6.03 5.97
N GLU B 87 -5.91 -7.29 6.06
CA GLU B 87 -6.79 -8.37 5.69
C GLU B 87 -7.90 -8.55 6.72
N LEU B 88 -7.61 -8.34 8.00
CA LEU B 88 -8.64 -8.40 9.01
C LEU B 88 -9.63 -7.24 8.84
N ALA B 90 -10.39 -5.88 5.91
CA ALA B 90 -11.19 -6.26 4.75
C ALA B 90 -12.28 -7.27 5.10
N VAL B 91 -11.92 -8.30 5.86
CA VAL B 91 -12.89 -9.34 6.17
C VAL B 91 -14.01 -8.78 7.06
N ALA B 92 -13.70 -7.84 7.94
CA ALA B 92 -14.71 -7.27 8.83
C ALA B 92 -15.71 -6.40 8.05
N LEU B 93 -15.21 -5.69 7.03
CA LEU B 93 -16.06 -4.88 6.19
C LEU B 93 -16.84 -5.74 5.16
N ALA B 94 -16.30 -6.88 4.77
CA ALA B 94 -16.98 -7.74 3.81
C ALA B 94 -18.20 -8.46 4.44
N VAL B 95 -18.13 -8.75 5.74
CA VAL B 95 -19.18 -9.49 6.45
C VAL B 95 -20.56 -8.86 6.25
N GLU B 96 -20.61 -7.55 6.37
CA GLU B 96 -21.86 -6.80 6.30
C GLU B 96 -22.42 -6.64 4.87
N ASN B 97 -21.69 -7.11 3.86
CA ASN B 97 -22.11 -6.96 2.47
C ASN B 97 -22.33 -8.27 1.71
N LEU B 98 -21.94 -9.38 2.32
CA LEU B 98 -22.01 -10.67 1.67
C LEU B 98 -23.46 -11.08 1.45
N THR B 99 -23.79 -11.43 0.21
CA THR B 99 -25.14 -11.88 -0.15
C THR B 99 -25.23 -13.40 -0.07
N PRO B 100 -26.47 -13.95 -0.12
CA PRO B 100 -26.54 -15.40 -0.23
C PRO B 100 -25.79 -15.96 -1.45
N GLN B 101 -25.81 -15.24 -2.57
CA GLN B 101 -25.10 -15.71 -3.76
C GLN B 101 -23.59 -15.71 -3.51
N ASP B 102 -23.08 -14.68 -2.84
CA ASP B 102 -21.66 -14.61 -2.51
C ASP B 102 -21.23 -15.83 -1.71
N LEU B 103 -21.99 -16.12 -0.65
CA LEU B 103 -21.67 -17.20 0.25
C LEU B 103 -21.71 -18.54 -0.48
N ALA B 104 -22.67 -18.70 -1.40
CA ALA B 104 -22.75 -19.92 -2.20
C ALA B 104 -21.51 -20.08 -3.06
N GLU B 105 -21.06 -18.99 -3.68
CA GLU B 105 -19.86 -19.06 -4.50
C GLU B 105 -18.62 -19.37 -3.66
N LEU B 106 -18.59 -18.88 -2.42
CA LEU B 106 -17.48 -19.16 -1.51
C LEU B 106 -17.46 -20.64 -1.09
N GLN B 107 -18.64 -21.20 -0.90
CA GLN B 107 -18.76 -22.62 -0.60
C GLN B 107 -18.23 -23.46 -1.78
N GLU B 108 -18.54 -23.03 -2.99
CA GLU B 108 -18.07 -23.72 -4.20
C GLU B 108 -16.55 -23.70 -4.26
N LEU B 109 -15.97 -22.53 -3.99
CA LEU B 109 -14.51 -22.41 -4.00
C LEU B 109 -13.88 -23.29 -2.94
N LEU B 110 -14.52 -23.38 -1.78
CA LEU B 110 -14.02 -24.18 -0.69
C LEU B 110 -14.01 -25.66 -1.10
N GLU B 111 -15.01 -26.06 -1.88
CA GLU B 111 -15.04 -27.40 -2.44
C GLU B 111 -13.90 -27.60 -3.44
N LYS B 112 -13.65 -26.60 -4.29
CA LYS B 112 -12.52 -26.66 -5.21
C LYS B 112 -11.20 -26.83 -4.43
N LEU B 113 -11.08 -26.13 -3.31
CA LEU B 113 -9.88 -26.18 -2.48
C LEU B 113 -9.67 -27.60 -1.93
N GLN B 114 -10.75 -28.20 -1.46
CA GLN B 114 -10.70 -29.57 -0.95
C GLN B 114 -10.21 -30.51 -2.05
N GLN B 115 -10.72 -30.31 -3.26
CA GLN B 115 -10.36 -31.14 -4.41
C GLN B 115 -8.86 -31.05 -4.68
N ALA B 116 -8.34 -29.81 -4.69
CA ALA B 116 -6.93 -29.58 -4.95
C ALA B 116 -6.04 -30.25 -3.92
N GLN B 117 -6.43 -30.15 -2.65
CA GLN B 117 -5.64 -30.75 -1.58
C GLN B 117 -5.67 -32.28 -1.70
N GLU B 118 -6.82 -32.82 -2.11
CA GLU B 118 -6.96 -34.26 -2.29
C GLU B 118 -6.21 -34.78 -3.53
N LYS B 119 -6.22 -33.98 -4.60
CA LYS B 119 -5.50 -34.31 -5.83
C LYS B 119 -3.99 -34.10 -5.68
N GLY B 120 -3.60 -33.36 -4.65
CA GLY B 120 -2.19 -33.06 -4.44
C GLY B 120 -1.69 -31.98 -5.38
N ASP B 121 -2.62 -31.16 -5.87
CA ASP B 121 -2.31 -30.09 -6.81
C ASP B 121 -1.98 -28.80 -6.06
N GLU B 123 -0.43 -26.17 -7.10
CA GLU B 123 -0.71 -24.99 -7.92
C GLU B 123 -2.14 -24.54 -7.69
N GLN B 124 -3.06 -25.51 -7.75
CA GLN B 124 -4.48 -25.22 -7.56
C GLN B 124 -4.79 -24.84 -6.12
N ILE B 125 -4.09 -25.46 -5.17
CA ILE B 125 -4.27 -25.11 -3.77
C ILE B 125 -3.99 -23.62 -3.54
N ILE B 126 -2.86 -23.16 -4.05
CA ILE B 126 -2.47 -21.76 -3.87
C ILE B 126 -3.44 -20.85 -4.60
N ASN B 127 -3.79 -21.20 -5.83
CA ASN B 127 -4.65 -20.37 -6.64
C ASN B 127 -6.06 -20.23 -6.07
N VAL B 128 -6.66 -21.34 -5.65
CA VAL B 128 -8.00 -21.31 -5.09
C VAL B 128 -8.03 -20.55 -3.78
N ASN B 129 -7.00 -20.73 -2.97
CA ASN B 129 -6.88 -19.95 -1.76
C ASN B 129 -6.87 -18.46 -2.07
N ARG B 130 -6.14 -18.08 -3.09
CA ARG B 130 -6.06 -16.69 -3.51
C ARG B 130 -7.46 -16.16 -3.88
N LEU B 131 -8.16 -16.90 -4.75
CA LEU B 131 -9.48 -16.47 -5.21
C LEU B 131 -10.52 -16.42 -4.11
N PHE B 132 -10.45 -17.37 -3.19
CA PHE B 132 -11.38 -17.45 -2.06
C PHE B 132 -11.28 -16.18 -1.22
N ARG B 133 -10.05 -15.85 -0.84
CA ARG B 133 -9.82 -14.71 0.04
C ARG B 133 -10.05 -13.38 -0.67
N LEU B 134 -9.67 -13.31 -1.94
CA LEU B 134 -9.86 -12.09 -2.72
C LEU B 134 -11.36 -11.86 -2.99
N ALA B 135 -12.09 -12.95 -3.22
CA ALA B 135 -13.54 -12.87 -3.39
C ALA B 135 -14.20 -12.29 -2.14
N ILE B 136 -13.73 -12.69 -0.98
CA ILE B 136 -14.24 -12.09 0.25
C ILE B 136 -13.88 -10.60 0.30
N TYR B 137 -12.60 -10.29 0.14
CA TYR B 137 -12.12 -8.94 0.38
C TYR B 137 -12.74 -7.93 -0.57
N HIS B 138 -12.95 -8.37 -1.81
CA HIS B 138 -13.55 -7.51 -2.82
C HIS B 138 -14.97 -7.08 -2.42
N ARG B 139 -15.66 -7.93 -1.65
CA ARG B 139 -17.03 -7.63 -1.27
C ARG B 139 -17.09 -6.59 -0.15
N SER B 140 -15.93 -6.18 0.37
CA SER B 140 -15.87 -5.09 1.34
C SER B 140 -16.21 -3.74 0.71
N ASN B 141 -16.25 -3.70 -0.62
CA ASN B 141 -16.40 -2.44 -1.37
C ASN B 141 -15.32 -1.43 -0.98
N PRO B 143 -11.95 -0.99 -2.73
CA PRO B 143 -11.03 -1.43 -3.80
C PRO B 143 -9.57 -1.04 -3.52
N ILE B 144 -9.38 0.11 -2.89
CA ILE B 144 -8.01 0.57 -2.58
C ILE B 144 -7.37 -0.29 -1.49
N LEU B 145 -8.16 -0.70 -0.49
CA LEU B 145 -7.70 -1.62 0.52
C LEU B 145 -7.28 -2.94 -0.13
N CYS B 146 -8.09 -3.45 -1.04
CA CYS B 146 -7.75 -4.67 -1.78
C CYS B 146 -6.48 -4.52 -2.61
N GLU B 147 -6.30 -3.35 -3.24
CA GLU B 147 -5.06 -3.08 -3.97
C GLU B 147 -3.87 -3.25 -3.02
N ILE B 149 -3.61 -4.93 -0.23
CA ILE B 149 -3.43 -6.33 0.14
C ILE B 149 -2.77 -7.14 -1.01
N GLU B 150 -3.22 -6.94 -2.23
CA GLU B 150 -2.58 -7.62 -3.37
C GLU B 150 -1.11 -7.21 -3.54
N GLN B 151 -0.79 -5.96 -3.26
CA GLN B 151 0.61 -5.51 -3.35
C GLN B 151 1.50 -6.30 -2.41
N LEU B 152 1.00 -6.50 -1.21
CA LEU B 152 1.73 -7.22 -0.18
C LEU B 152 1.86 -8.69 -0.54
N TRP B 153 0.84 -9.22 -1.21
CA TRP B 153 0.90 -10.61 -1.67
C TRP B 153 1.98 -10.81 -2.70
N VAL B 154 2.15 -9.82 -3.57
CA VAL B 154 3.20 -9.84 -4.57
C VAL B 154 4.56 -9.83 -3.88
N ARG B 155 4.73 -9.03 -2.83
CA ARG B 155 6.01 -8.94 -2.13
C ARG B 155 6.36 -10.23 -1.39
N GLY B 157 5.10 -13.09 -2.24
CA GLY B 157 4.93 -14.13 -3.25
C GLY B 157 6.08 -15.09 -3.47
N PRO B 158 7.30 -14.56 -3.67
CA PRO B 158 8.43 -15.48 -3.83
C PRO B 158 8.62 -16.41 -2.64
N GLY B 159 8.14 -16.00 -1.48
CA GLY B 159 8.19 -16.83 -0.28
C GLY B 159 7.29 -18.05 -0.37
N LEU B 160 6.40 -18.07 -1.35
CA LEU B 160 5.48 -19.19 -1.51
C LEU B 160 6.06 -20.30 -2.37
N HIS B 161 7.18 -20.01 -3.03
CA HIS B 161 7.76 -21.00 -3.92
C HIS B 161 8.16 -22.28 -3.18
N TYR B 162 8.52 -22.10 -1.91
CA TYR B 162 8.90 -23.20 -1.03
C TYR B 162 7.83 -24.30 -0.95
N LEU B 163 6.55 -23.90 -1.09
CA LEU B 163 5.44 -24.84 -1.02
C LEU B 163 5.57 -25.91 -2.09
N TYR B 164 5.99 -25.48 -3.28
CA TYR B 164 6.15 -26.37 -4.41
C TYR B 164 7.32 -27.31 -4.19
N GLU B 165 8.32 -26.83 -3.45
CA GLU B 165 9.58 -27.56 -3.31
C GLU B 165 9.60 -28.59 -2.20
N ALA B 166 9.03 -28.24 -1.05
CA ALA B 166 9.21 -29.06 0.15
C ALA B 166 7.90 -29.57 0.76
N ILE B 167 6.78 -28.93 0.42
CA ILE B 167 5.54 -29.25 1.10
C ILE B 167 4.68 -30.25 0.33
N ASN B 168 4.41 -31.37 0.99
CA ASN B 168 3.50 -32.39 0.49
C ASN B 168 2.07 -32.02 0.83
N PRO B 169 1.22 -31.81 -0.20
CA PRO B 169 -0.17 -31.38 -0.04
C PRO B 169 -1.02 -32.30 0.85
N ALA B 170 -0.55 -33.52 1.10
CA ALA B 170 -1.26 -34.45 1.96
C ALA B 170 -1.26 -33.98 3.42
N GLU B 171 -0.22 -33.24 3.78
CA GLU B 171 -0.09 -32.73 5.15
C GLU B 171 -0.86 -31.43 5.33
N LEU B 172 -1.63 -31.05 4.33
CA LEU B 172 -2.41 -29.82 4.38
C LEU B 172 -3.89 -30.11 4.59
N ARG B 173 -4.20 -31.36 4.91
CA ARG B 173 -5.58 -31.82 5.04
C ARG B 173 -6.34 -31.03 6.09
N GLU B 174 -5.76 -30.93 7.30
CA GLU B 174 -6.45 -30.31 8.41
C GLU B 174 -6.53 -28.80 8.28
N HIS B 175 -5.75 -28.23 7.36
CA HIS B 175 -5.72 -26.77 7.17
C HIS B 175 -7.00 -26.24 6.55
N ILE B 176 -7.80 -27.10 5.95
CA ILE B 176 -8.99 -26.62 5.27
C ILE B 176 -10.11 -26.37 6.28
N GLU B 177 -9.94 -26.89 7.48
CA GLU B 177 -10.98 -26.79 8.48
C GLU B 177 -11.18 -25.33 8.91
N ASN B 178 -10.09 -24.59 9.08
CA ASN B 178 -10.17 -23.18 9.42
C ASN B 178 -10.91 -22.35 8.37
N TYR B 179 -10.91 -22.83 7.13
CA TYR B 179 -11.63 -22.17 6.04
C TYR B 179 -13.14 -22.36 6.17
N HIS B 180 -13.55 -23.59 6.49
CA HIS B 180 -14.95 -23.87 6.75
C HIS B 180 -15.44 -23.03 7.93
N LEU B 181 -14.61 -22.90 8.97
CA LEU B 181 -14.97 -22.10 10.13
C LEU B 181 -15.13 -20.63 9.76
N LEU B 182 -14.24 -20.12 8.89
CA LEU B 182 -14.36 -18.73 8.45
C LEU B 182 -15.65 -18.52 7.66
N LEU B 183 -15.95 -19.45 6.76
CA LEU B 183 -17.15 -19.34 5.96
C LEU B 183 -18.39 -19.43 6.86
N ALA B 184 -18.35 -20.33 7.85
CA ALA B 184 -19.42 -20.43 8.83
C ALA B 184 -19.58 -19.11 9.59
N ALA B 185 -18.45 -18.51 9.99
CA ALA B 185 -18.50 -17.23 10.70
C ALA B 185 -19.07 -16.14 9.80
N LEU B 186 -18.70 -16.16 8.51
CA LEU B 186 -19.23 -15.21 7.53
C LEU B 186 -20.74 -15.39 7.34
N LYS B 187 -21.17 -16.65 7.25
CA LYS B 187 -22.59 -16.97 7.10
C LYS B 187 -23.38 -16.46 8.30
N ALA B 188 -22.79 -16.58 9.49
CA ALA B 188 -23.49 -16.17 10.71
C ALA B 188 -23.39 -14.67 10.96
N LYS B 189 -22.73 -13.97 10.03
CA LYS B 189 -22.52 -12.52 10.15
C LYS B 189 -21.81 -12.20 11.46
N ASP B 190 -20.93 -13.09 11.90
CA ASP B 190 -20.19 -12.91 13.14
C ASP B 190 -18.86 -12.19 12.89
N LYS B 191 -18.88 -10.86 13.07
CA LYS B 191 -17.73 -10.04 12.67
C LYS B 191 -16.43 -10.40 13.41
N GLU B 192 -16.48 -10.47 14.73
CA GLU B 192 -15.28 -10.77 15.53
C GLU B 192 -14.83 -12.21 15.29
N GLY B 193 -15.79 -13.10 15.09
CA GLY B 193 -15.49 -14.48 14.74
C GLY B 193 -14.75 -14.60 13.42
N CYS B 194 -15.11 -13.77 12.44
CA CYS B 194 -14.43 -13.78 11.13
C CYS B 194 -12.99 -13.35 11.29
N ARG B 195 -12.79 -12.32 12.11
CA ARG B 195 -11.44 -11.83 12.35
C ARG B 195 -10.57 -12.91 13.01
N HIS B 196 -11.12 -13.61 14.00
CA HIS B 196 -10.39 -14.67 14.66
C HIS B 196 -10.08 -15.82 13.71
N CYS B 197 -11.08 -16.24 12.93
CA CYS B 197 -10.87 -17.33 11.98
C CYS B 197 -9.80 -16.97 10.94
N LEU B 198 -9.85 -15.75 10.42
CA LEU B 198 -8.87 -15.34 9.41
C LEU B 198 -7.47 -15.23 10.01
N ALA B 199 -7.37 -14.73 11.24
CA ALA B 199 -6.07 -14.67 11.91
C ALA B 199 -5.48 -16.08 12.09
N GLU B 200 -6.35 -17.03 12.44
CA GLU B 200 -5.93 -18.43 12.59
C GLU B 200 -5.45 -19.00 11.27
N ILE B 201 -6.18 -18.72 10.19
CA ILE B 201 -5.76 -19.17 8.87
C ILE B 201 -4.37 -18.62 8.53
N GLN B 203 -2.00 -17.35 10.47
CA GLN B 203 -1.01 -17.93 11.36
C GLN B 203 -0.54 -19.35 10.97
N GLN B 204 -1.49 -20.24 10.65
CA GLN B 204 -1.14 -21.61 10.31
C GLN B 204 -0.42 -21.67 8.96
N ASN B 205 -0.83 -20.81 8.03
CA ASN B 205 -0.21 -20.82 6.70
C ASN B 205 1.20 -20.24 6.71
N ILE B 206 1.37 -19.16 7.48
CA ILE B 206 2.69 -18.54 7.66
C ILE B 206 3.65 -19.53 8.34
N ALA B 207 3.14 -20.28 9.31
CA ALA B 207 3.97 -21.26 10.02
C ALA B 207 4.58 -22.26 9.04
N ILE B 208 3.82 -22.63 8.01
CA ILE B 208 4.34 -23.49 6.96
C ILE B 208 5.45 -22.78 6.20
N LEU B 209 5.23 -21.50 5.90
CA LEU B 209 6.19 -20.74 5.14
C LEU B 209 7.50 -20.54 5.89
N TYR B 210 7.43 -20.44 7.22
CA TYR B 210 8.64 -20.16 8.01
C TYR B 210 9.64 -21.32 8.03
N GLN B 211 9.18 -22.50 7.65
CA GLN B 211 10.04 -23.68 7.63
C GLN B 211 11.18 -23.56 6.63
N GLN B 212 11.06 -22.64 5.68
CA GLN B 212 12.09 -22.50 4.66
C GLN B 212 13.32 -21.81 5.24
N TYR B 213 13.16 -21.22 6.41
CA TYR B 213 14.26 -20.56 7.11
C TYR B 213 14.82 -21.52 8.16
#